data_3TKM
#
_entry.id   3TKM
#
_cell.length_a   35.466
_cell.length_b   74.766
_cell.length_c   96.287
_cell.angle_alpha   90.00
_cell.angle_beta   90.00
_cell.angle_gamma   90.00
#
_symmetry.space_group_name_H-M   'P 21 21 21'
#
loop_
_entity.id
_entity.type
_entity.pdbx_description
1 polymer 'Peroxisome proliferator-activated receptor delta'
2 non-polymer '{4-[({2-[3-fluoro-4-(trifluoromethyl)phenyl]-4-methyl-1,3-thiazol-5-yl}methyl)sulfanyl]-2-methylphenoxy}acetic acid'
3 non-polymer GLYCEROL
4 water water
#
_entity_poly.entity_id   1
_entity_poly.type   'polypeptide(L)'
_entity_poly.pdbx_seq_one_letter_code
;GSHMQVADLKAFSKHIYNAYLKNFNMTKKKARSILTGKASHTAPFVIHDIETLWQAEKGLVWKQLVNGLPPYKEISVHVF
YRCQCTTVETVRELTEFAKSIPSFSSLFLNDQVTLLKYGVHEAIFAMLASIVNKDGLLVANGSGFVTREFLRSLRKPFSD
IIEPKFEFAVKFNALELDDSDLALFIAAIILCGDRPGLMNVPRVEAIQDTILRALEFHLQANHPDAQYLFPKLLQKMADL
RQLVTEHAQMMQRIKKTETETSLHPLLQEIYKDMY
;
_entity_poly.pdbx_strand_id   A
#
loop_
_chem_comp.id
_chem_comp.type
_chem_comp.name
_chem_comp.formula
GOL non-polymer GLYCEROL 'C3 H8 O3'
GW0 non-polymer '{4-[({2-[3-fluoro-4-(trifluoromethyl)phenyl]-4-methyl-1,3-thiazol-5-yl}methyl)sulfanyl]-2-methylphenoxy}acetic acid' 'C21 H17 F4 N O3 S2'
#
# COMPACT_ATOMS: atom_id res chain seq x y z
N GLY A 1 -0.98 17.89 -31.32
CA GLY A 1 -0.16 16.75 -30.94
C GLY A 1 -0.68 16.03 -29.71
N SER A 2 0.09 15.07 -29.23
CA SER A 2 -0.31 14.25 -28.10
C SER A 2 0.51 14.53 -26.84
N HIS A 3 1.53 15.37 -26.97
CA HIS A 3 2.46 15.62 -25.85
C HIS A 3 1.97 16.74 -24.93
N MET A 4 1.48 16.35 -23.76
CA MET A 4 0.83 17.27 -22.85
C MET A 4 1.79 18.37 -22.39
N GLN A 5 1.26 19.57 -22.21
CA GLN A 5 2.06 20.67 -21.69
C GLN A 5 1.93 20.72 -20.18
N VAL A 6 2.70 21.61 -19.55
CA VAL A 6 2.69 21.70 -18.09
C VAL A 6 1.28 21.89 -17.53
N ALA A 7 0.49 22.72 -18.18
CA ALA A 7 -0.87 22.99 -17.73
C ALA A 7 -1.74 21.73 -17.72
N ASP A 8 -1.61 20.92 -18.76
CA ASP A 8 -2.33 19.66 -18.84
C ASP A 8 -1.90 18.70 -17.73
N LEU A 9 -0.59 18.65 -17.50
CA LEU A 9 -0.03 17.78 -16.48
C LEU A 9 -0.48 18.20 -15.08
N LYS A 10 -0.53 19.50 -14.84
CA LYS A 10 -0.97 20.00 -13.54
C LYS A 10 -2.42 19.63 -13.28
N ALA A 11 -3.27 19.77 -14.30
CA ALA A 11 -4.68 19.43 -14.18
C ALA A 11 -4.85 17.93 -13.99
N PHE A 12 -4.01 17.15 -14.67
CA PHE A 12 -4.02 15.70 -14.54
C PHE A 12 -3.73 15.30 -13.10
N SER A 13 -2.73 15.95 -12.50
CA SER A 13 -2.35 15.68 -11.11
C SER A 13 -3.50 15.96 -10.14
N LYS A 14 -4.18 17.09 -10.34
CA LYS A 14 -5.31 17.46 -9.50
CA LYS A 14 -5.30 17.44 -9.48
C LYS A 14 -6.39 16.39 -9.52
N HIS A 15 -6.65 15.85 -10.70
N HIS A 15 -6.67 15.86 -10.71
CA HIS A 15 -7.67 14.81 -10.85
CA HIS A 15 -7.68 14.81 -10.85
C HIS A 15 -7.27 13.56 -10.06
C HIS A 15 -7.28 13.54 -10.10
N ILE A 16 -6.00 13.19 -10.16
CA ILE A 16 -5.51 12.01 -9.47
C ILE A 16 -5.56 12.20 -7.96
N TYR A 17 -5.26 13.41 -7.50
CA TYR A 17 -5.34 13.74 -6.09
C TYR A 17 -6.78 13.62 -5.58
N ASN A 18 -7.73 14.12 -6.36
CA ASN A 18 -9.15 14.00 -6.03
CA ASN A 18 -9.15 14.01 -6.01
C ASN A 18 -9.60 12.55 -5.93
N ALA A 19 -9.17 11.72 -6.87
CA ALA A 19 -9.50 10.30 -6.87
C ALA A 19 -8.93 9.61 -5.64
N TYR A 20 -7.80 10.14 -5.17
CA TYR A 20 -7.12 9.62 -3.99
C TYR A 20 -7.92 9.96 -2.73
N LEU A 21 -8.24 11.23 -2.57
CA LEU A 21 -9.00 11.70 -1.42
C LEU A 21 -10.39 11.07 -1.36
N LYS A 22 -10.93 10.79 -2.54
CA LYS A 22 -12.25 10.20 -2.66
C LYS A 22 -12.28 8.75 -2.18
N ASN A 23 -11.17 8.03 -2.38
CA ASN A 23 -11.16 6.58 -2.21
C ASN A 23 -10.38 6.00 -1.03
N PHE A 24 -9.54 6.81 -0.39
CA PHE A 24 -8.77 6.30 0.75
C PHE A 24 -9.23 6.94 2.05
N ASN A 25 -9.63 6.10 3.02
CA ASN A 25 -10.09 6.60 4.31
C ASN A 25 -8.95 7.05 5.21
N MET A 26 -7.86 6.30 5.19
CA MET A 26 -6.69 6.68 5.97
C MET A 26 -5.63 7.33 5.10
N THR A 27 -5.65 8.66 5.08
CA THR A 27 -4.66 9.43 4.35
C THR A 27 -3.44 9.65 5.25
N LYS A 28 -2.32 10.04 4.64
CA LYS A 28 -1.12 10.27 5.44
C LYS A 28 -1.35 11.42 6.41
N LYS A 29 -2.13 12.42 5.99
CA LYS A 29 -2.42 13.54 6.87
C LYS A 29 -3.14 13.05 8.12
N LYS A 30 -4.16 12.23 7.95
CA LYS A 30 -4.87 11.69 9.10
C LYS A 30 -3.96 10.81 9.96
N ALA A 31 -3.22 9.90 9.31
CA ALA A 31 -2.32 9.02 10.04
C ALA A 31 -1.32 9.83 10.87
N ARG A 32 -0.72 10.85 10.26
CA ARG A 32 0.26 11.67 10.94
C ARG A 32 -0.33 12.46 12.11
N SER A 33 -1.56 12.94 11.96
CA SER A 33 -2.20 13.67 13.04
C SER A 33 -2.35 12.77 14.27
N ILE A 34 -2.67 11.50 14.03
CA ILE A 34 -2.76 10.52 15.11
C ILE A 34 -1.39 10.19 15.69
N LEU A 35 -0.40 9.97 14.81
CA LEU A 35 0.93 9.54 15.25
C LEU A 35 1.72 10.64 15.93
N THR A 36 1.36 11.89 15.71
CA THR A 36 2.08 13.01 16.31
C THR A 36 1.32 13.59 17.50
N GLY A 37 0.14 13.06 17.76
CA GLY A 37 -0.65 13.50 18.89
C GLY A 37 -1.44 14.78 18.64
N LYS A 38 -1.61 15.13 17.36
CA LYS A 38 -2.37 16.31 17.01
CA LYS A 38 -2.36 16.31 16.96
C LYS A 38 -3.87 16.04 17.03
N ALA A 39 -4.25 14.79 16.82
CA ALA A 39 -5.65 14.40 16.88
C ALA A 39 -6.27 14.84 18.21
N SER A 40 -7.54 15.22 18.17
CA SER A 40 -8.26 15.66 19.37
CA SER A 40 -8.26 15.66 19.37
C SER A 40 -8.62 14.49 20.29
N HIS A 41 -8.73 13.29 19.73
CA HIS A 41 -8.98 12.11 20.55
C HIS A 41 -7.72 11.67 21.29
N THR A 42 -7.88 10.90 22.34
CA THR A 42 -6.74 10.37 23.09
C THR A 42 -5.86 9.45 22.23
N ALA A 43 -4.63 9.22 22.70
CA ALA A 43 -3.69 8.36 21.99
C ALA A 43 -4.31 7.00 21.70
N PRO A 44 -3.89 6.36 20.60
CA PRO A 44 -4.43 5.05 20.25
C PRO A 44 -4.07 4.00 21.31
N PHE A 45 -4.91 2.98 21.41
CA PHE A 45 -4.64 1.85 22.29
C PHE A 45 -3.41 1.09 21.79
N VAL A 46 -2.47 0.84 22.69
CA VAL A 46 -1.22 0.21 22.30
C VAL A 46 -1.23 -1.30 22.47
N ILE A 47 -0.96 -2.01 21.38
CA ILE A 47 -0.82 -3.46 21.42
C ILE A 47 0.68 -3.78 21.39
N HIS A 48 1.20 -4.24 22.52
CA HIS A 48 2.63 -4.49 22.63
C HIS A 48 2.97 -5.86 23.21
N ASP A 49 1.94 -6.62 23.57
CA ASP A 49 2.14 -7.98 24.07
C ASP A 49 0.84 -8.79 24.02
N ILE A 50 0.86 -9.99 24.58
CA ILE A 50 -0.30 -10.86 24.54
C ILE A 50 -1.51 -10.30 25.31
N GLU A 51 -1.27 -9.79 26.51
CA GLU A 51 -2.36 -9.22 27.31
C GLU A 51 -3.12 -8.15 26.53
N THR A 52 -2.38 -7.22 25.94
CA THR A 52 -3.00 -6.09 25.23
C THR A 52 -3.64 -6.49 23.89
N LEU A 53 -3.05 -7.45 23.20
CA LEU A 53 -3.67 -7.96 21.98
C LEU A 53 -5.03 -8.56 22.31
N TRP A 54 -5.06 -9.40 23.34
CA TRP A 54 -6.31 -10.01 23.80
C TRP A 54 -7.34 -8.96 24.19
N GLN A 55 -6.91 -7.94 24.92
CA GLN A 55 -7.79 -6.85 25.32
C GLN A 55 -8.33 -6.10 24.09
N ALA A 56 -7.45 -5.85 23.13
CA ALA A 56 -7.83 -5.15 21.91
C ALA A 56 -8.89 -5.94 21.15
N GLU A 57 -8.74 -7.26 21.14
CA GLU A 57 -9.71 -8.12 20.47
C GLU A 57 -11.05 -8.10 21.19
N LYS A 58 -11.05 -7.64 22.44
CA LYS A 58 -12.26 -7.59 23.25
C LYS A 58 -12.85 -6.20 23.35
N GLY A 59 -12.04 -5.17 23.11
CA GLY A 59 -12.46 -3.80 23.33
C GLY A 59 -12.24 -2.84 22.18
N LEU A 60 -11.43 -3.26 21.21
CA LEU A 60 -11.11 -2.42 20.05
C LEU A 60 -12.09 -2.65 18.91
N VAL A 61 -12.53 -1.56 18.28
CA VAL A 61 -13.49 -1.62 17.19
C VAL A 61 -12.82 -1.98 15.86
N TRP A 62 -13.09 -3.18 15.36
CA TRP A 62 -12.50 -3.63 14.12
C TRP A 62 -13.52 -3.63 12.99
N GLY A 68 -14.88 -11.31 10.97
CA GLY A 68 -15.11 -12.68 10.56
C GLY A 68 -13.84 -13.43 10.22
N LEU A 69 -12.92 -13.51 11.18
CA LEU A 69 -11.67 -14.24 10.98
C LEU A 69 -11.90 -15.74 11.14
N PRO A 70 -11.03 -16.55 10.53
CA PRO A 70 -11.04 -18.00 10.80
C PRO A 70 -10.85 -18.26 12.28
N PRO A 71 -11.30 -19.42 12.78
CA PRO A 71 -11.21 -19.77 14.20
C PRO A 71 -9.80 -19.60 14.75
N TYR A 72 -9.71 -19.13 16.00
CA TYR A 72 -8.42 -18.89 16.62
C TYR A 72 -7.62 -20.18 16.76
N LYS A 73 -6.33 -20.10 16.42
CA LYS A 73 -5.43 -21.23 16.57
C LYS A 73 -4.27 -20.86 17.50
N GLU A 74 -3.63 -19.72 17.21
CA GLU A 74 -2.52 -19.23 18.01
C GLU A 74 -2.25 -17.77 17.68
N ILE A 75 -1.45 -17.11 18.52
CA ILE A 75 -1.20 -15.67 18.39
C ILE A 75 -0.64 -15.26 17.03
N SER A 76 0.40 -15.95 16.58
CA SER A 76 1.07 -15.58 15.34
C SER A 76 0.15 -15.73 14.13
N VAL A 77 -0.64 -16.81 14.11
CA VAL A 77 -1.57 -17.07 13.02
C VAL A 77 -2.73 -16.07 13.02
N HIS A 78 -3.21 -15.75 14.21
CA HIS A 78 -4.26 -14.74 14.36
C HIS A 78 -3.81 -13.40 13.77
N VAL A 79 -2.60 -12.98 14.10
CA VAL A 79 -2.06 -11.74 13.57
C VAL A 79 -1.91 -11.82 12.05
N PHE A 80 -1.51 -12.99 11.56
CA PHE A 80 -1.40 -13.25 10.13
C PHE A 80 -2.73 -13.00 9.43
N TYR A 81 -3.82 -13.42 10.07
CA TYR A 81 -5.16 -13.26 9.51
C TYR A 81 -5.59 -11.79 9.50
N ARG A 82 -5.20 -11.04 10.52
CA ARG A 82 -5.53 -9.63 10.58
C ARG A 82 -4.75 -8.84 9.53
N CYS A 83 -3.57 -9.36 9.16
CA CYS A 83 -2.79 -8.76 8.08
C CYS A 83 -3.55 -8.93 6.77
N GLN A 84 -4.07 -10.13 6.55
CA GLN A 84 -4.83 -10.44 5.34
C GLN A 84 -6.07 -9.58 5.22
N CYS A 85 -6.84 -9.47 6.30
CA CYS A 85 -8.04 -8.65 6.33
CA CYS A 85 -8.04 -8.66 6.30
C CYS A 85 -7.72 -7.22 5.94
N THR A 86 -6.69 -6.66 6.55
CA THR A 86 -6.27 -5.30 6.25
C THR A 86 -5.94 -5.18 4.77
N THR A 87 -5.22 -6.17 4.26
CA THR A 87 -4.80 -6.18 2.85
C THR A 87 -5.99 -6.17 1.91
N VAL A 88 -6.98 -7.00 2.21
CA VAL A 88 -8.18 -7.08 1.38
C VAL A 88 -8.92 -5.74 1.31
N GLU A 89 -8.95 -5.03 2.43
CA GLU A 89 -9.63 -3.73 2.48
CA GLU A 89 -9.64 -3.74 2.48
C GLU A 89 -8.91 -2.69 1.62
N THR A 90 -7.59 -2.70 1.70
CA THR A 90 -6.79 -1.77 0.91
C THR A 90 -6.85 -2.10 -0.56
N VAL A 91 -6.96 -3.39 -0.88
CA VAL A 91 -7.12 -3.81 -2.28
C VAL A 91 -8.40 -3.24 -2.85
N ARG A 92 -9.48 -3.28 -2.08
CA ARG A 92 -10.74 -2.73 -2.54
CA ARG A 92 -10.76 -2.73 -2.50
C ARG A 92 -10.64 -1.22 -2.75
N GLU A 93 -9.93 -0.53 -1.87
CA GLU A 93 -9.75 0.91 -2.02
C GLU A 93 -8.89 1.24 -3.23
N LEU A 94 -7.82 0.46 -3.44
CA LEU A 94 -6.95 0.66 -4.59
C LEU A 94 -7.69 0.45 -5.91
N THR A 95 -8.59 -0.54 -5.92
CA THR A 95 -9.37 -0.82 -7.11
C THR A 95 -10.27 0.37 -7.45
N GLU A 96 -10.92 0.92 -6.44
CA GLU A 96 -11.78 2.08 -6.64
C GLU A 96 -10.97 3.33 -6.99
N PHE A 97 -9.78 3.46 -6.40
CA PHE A 97 -8.89 4.55 -6.75
C PHE A 97 -8.50 4.45 -8.24
N ALA A 98 -8.09 3.25 -8.66
CA ALA A 98 -7.68 3.04 -10.05
C ALA A 98 -8.80 3.42 -11.01
N LYS A 99 -9.99 2.91 -10.75
CA LYS A 99 -11.15 3.23 -11.58
C LYS A 99 -11.34 4.73 -11.74
N SER A 100 -10.89 5.50 -10.75
CA SER A 100 -11.05 6.96 -10.79
C SER A 100 -9.89 7.71 -11.44
N ILE A 101 -8.83 7.01 -11.83
CA ILE A 101 -7.72 7.65 -12.50
C ILE A 101 -7.98 7.80 -13.97
N PRO A 102 -7.77 9.01 -14.53
CA PRO A 102 -8.21 9.21 -15.90
C PRO A 102 -7.45 8.28 -16.80
N SER A 103 -8.16 7.60 -17.70
CA SER A 103 -7.55 6.73 -18.67
C SER A 103 -7.26 5.30 -18.20
N PHE A 104 -7.64 4.98 -16.97
CA PHE A 104 -7.59 3.61 -16.52
C PHE A 104 -8.78 2.82 -17.01
N SER A 105 -9.93 3.45 -16.92
N SER A 105 -9.98 3.37 -16.82
CA SER A 105 -11.18 2.80 -17.16
CA SER A 105 -11.24 2.68 -17.12
C SER A 105 -11.40 2.50 -18.61
C SER A 105 -11.42 2.45 -18.63
N SER A 106 -10.56 3.06 -19.43
CA SER A 106 -10.65 2.93 -20.87
CA SER A 106 -10.63 2.93 -20.87
C SER A 106 -9.70 1.84 -21.40
N LEU A 107 -8.90 1.26 -20.52
CA LEU A 107 -8.04 0.16 -20.90
C LEU A 107 -8.89 -1.08 -21.09
N PHE A 108 -8.37 -2.09 -21.79
CA PHE A 108 -9.04 -3.38 -21.88
C PHE A 108 -9.36 -3.86 -20.49
N LEU A 109 -10.54 -4.46 -20.31
CA LEU A 109 -10.92 -4.98 -19.00
C LEU A 109 -9.84 -5.92 -18.47
N ASN A 110 -9.28 -6.75 -19.35
CA ASN A 110 -8.28 -7.70 -18.92
C ASN A 110 -7.04 -7.00 -18.40
N ASP A 111 -6.66 -5.91 -19.06
CA ASP A 111 -5.49 -5.13 -18.65
C ASP A 111 -5.72 -4.44 -17.30
N GLN A 112 -6.94 -3.98 -17.07
CA GLN A 112 -7.28 -3.39 -15.78
C GLN A 112 -7.07 -4.42 -14.68
N VAL A 113 -7.56 -5.64 -14.92
CA VAL A 113 -7.43 -6.74 -13.97
C VAL A 113 -5.96 -7.10 -13.74
N THR A 114 -5.21 -7.19 -14.83
CA THR A 114 -3.80 -7.54 -14.77
C THR A 114 -3.00 -6.50 -13.99
N LEU A 115 -3.30 -5.22 -14.24
CA LEU A 115 -2.59 -4.14 -13.56
C LEU A 115 -2.82 -4.15 -12.05
N LEU A 116 -4.07 -4.40 -11.64
CA LEU A 116 -4.38 -4.46 -10.22
C LEU A 116 -3.72 -5.68 -9.56
N LYS A 117 -3.82 -6.83 -10.23
CA LYS A 117 -3.24 -8.07 -9.72
C LYS A 117 -1.76 -7.96 -9.39
N TYR A 118 -0.97 -7.44 -10.32
CA TYR A 118 0.48 -7.36 -10.15
C TYR A 118 0.91 -6.03 -9.52
N GLY A 119 -0.06 -5.15 -9.30
CA GLY A 119 0.25 -3.82 -8.80
C GLY A 119 -0.12 -3.54 -7.35
N VAL A 120 -1.17 -4.18 -6.84
CA VAL A 120 -1.70 -3.82 -5.54
C VAL A 120 -0.69 -3.94 -4.37
N HIS A 121 0.10 -5.00 -4.34
CA HIS A 121 1.04 -5.20 -3.24
C HIS A 121 2.12 -4.12 -3.17
N GLU A 122 2.69 -3.76 -4.31
CA GLU A 122 3.66 -2.66 -4.35
C GLU A 122 2.99 -1.40 -3.81
N ALA A 123 1.74 -1.18 -4.20
CA ALA A 123 1.01 0.00 -3.74
C ALA A 123 0.72 -0.08 -2.25
N ILE A 124 0.39 -1.27 -1.77
CA ILE A 124 0.10 -1.46 -0.35
C ILE A 124 1.31 -1.15 0.51
N PHE A 125 2.48 -1.62 0.09
CA PHE A 125 3.70 -1.41 0.85
C PHE A 125 4.12 0.06 0.84
N ALA A 126 3.86 0.75 -0.25
CA ALA A 126 4.13 2.18 -0.34
C ALA A 126 3.23 2.99 0.60
N MET A 127 1.94 2.72 0.56
CA MET A 127 0.97 3.42 1.40
C MET A 127 1.13 3.04 2.87
N LEU A 128 1.60 1.83 3.12
CA LEU A 128 1.83 1.36 4.48
C LEU A 128 2.73 2.33 5.24
N ALA A 129 3.71 2.90 4.55
CA ALA A 129 4.62 3.85 5.18
C ALA A 129 3.87 4.98 5.89
N SER A 130 2.73 5.39 5.33
CA SER A 130 1.96 6.48 5.89
C SER A 130 1.51 6.22 7.33
N ILE A 131 1.17 4.98 7.64
CA ILE A 131 0.67 4.62 8.96
C ILE A 131 1.73 3.99 9.87
N VAL A 132 3.00 4.15 9.49
CA VAL A 132 4.10 3.53 10.21
C VAL A 132 5.08 4.56 10.75
N ASN A 133 5.66 4.28 11.93
CA ASN A 133 6.89 4.93 12.36
C ASN A 133 7.88 3.86 12.83
N LYS A 134 9.05 4.26 13.31
CA LYS A 134 10.09 3.30 13.66
C LYS A 134 9.67 2.32 14.75
N ASP A 135 8.64 2.68 15.51
CA ASP A 135 8.23 1.89 16.68
C ASP A 135 7.00 1.00 16.47
N GLY A 136 6.29 1.18 15.37
CA GLY A 136 5.10 0.39 15.11
C GLY A 136 4.21 0.98 14.04
N LEU A 137 2.99 0.45 13.92
CA LEU A 137 2.04 0.95 12.93
C LEU A 137 0.62 1.02 13.48
N LEU A 138 -0.22 1.80 12.80
CA LEU A 138 -1.62 1.99 13.21
C LEU A 138 -2.50 0.85 12.73
N VAL A 139 -3.45 0.44 13.56
CA VAL A 139 -4.44 -0.57 13.18
C VAL A 139 -5.83 -0.11 13.58
N ALA A 140 -6.84 -0.91 13.24
CA ALA A 140 -8.22 -0.59 13.57
C ALA A 140 -8.56 0.84 13.16
N ASN A 141 -8.30 1.15 11.89
CA ASN A 141 -8.57 2.48 11.35
C ASN A 141 -8.01 3.61 12.22
N GLY A 142 -6.84 3.38 12.81
CA GLY A 142 -6.15 4.42 13.55
C GLY A 142 -6.39 4.44 15.04
N SER A 143 -7.31 3.59 15.52
CA SER A 143 -7.65 3.57 16.95
C SER A 143 -6.75 2.63 17.75
N GLY A 144 -5.88 1.92 17.05
CA GLY A 144 -4.92 1.03 17.70
C GLY A 144 -3.52 1.25 17.16
N PHE A 145 -2.52 0.82 17.92
CA PHE A 145 -1.13 0.94 17.50
C PHE A 145 -0.37 -0.30 17.97
N VAL A 146 0.05 -1.13 17.01
CA VAL A 146 0.81 -2.33 17.31
CA VAL A 146 0.81 -2.32 17.32
C VAL A 146 2.30 -2.06 17.19
N THR A 147 3.06 -2.46 18.21
CA THR A 147 4.49 -2.19 18.23
C THR A 147 5.30 -3.12 17.35
N ARG A 148 6.35 -2.56 16.75
CA ARG A 148 7.30 -3.29 15.94
C ARG A 148 7.88 -4.43 16.75
N GLU A 149 8.16 -4.19 18.02
CA GLU A 149 8.75 -5.22 18.88
C GLU A 149 7.82 -6.41 19.08
N PHE A 150 6.52 -6.14 19.20
CA PHE A 150 5.54 -7.20 19.33
C PHE A 150 5.52 -8.08 18.07
N LEU A 151 5.61 -7.46 16.90
CA LEU A 151 5.60 -8.22 15.65
C LEU A 151 6.88 -9.04 15.49
N ARG A 152 7.97 -8.59 16.11
CA ARG A 152 9.23 -9.33 16.12
C ARG A 152 9.17 -10.55 17.06
N SER A 153 8.20 -10.54 17.97
CA SER A 153 8.09 -11.60 18.97
C SER A 153 7.27 -12.79 18.47
N LEU A 154 6.60 -12.62 17.34
CA LEU A 154 5.81 -13.71 16.78
C LEU A 154 6.75 -14.81 16.34
N ARG A 155 6.28 -16.05 16.35
CA ARG A 155 7.15 -17.15 15.98
C ARG A 155 7.43 -17.12 14.48
N LYS A 156 8.53 -17.73 14.06
CA LYS A 156 8.81 -17.88 12.65
C LYS A 156 7.75 -18.79 12.04
N PRO A 157 7.39 -18.55 10.77
CA PRO A 157 7.97 -17.57 9.85
C PRO A 157 7.22 -16.26 9.84
N PHE A 158 6.34 -16.04 10.81
CA PHE A 158 5.46 -14.88 10.78
C PHE A 158 6.15 -13.59 11.16
N SER A 159 7.12 -13.67 12.07
CA SER A 159 7.91 -12.50 12.45
C SER A 159 8.73 -11.97 11.28
N ASP A 160 9.15 -12.87 10.39
CA ASP A 160 10.00 -12.51 9.27
C ASP A 160 9.28 -11.72 8.18
N ILE A 161 7.96 -11.69 8.22
CA ILE A 161 7.17 -11.04 7.17
CA ILE A 161 7.17 -11.04 7.17
C ILE A 161 7.15 -9.52 7.28
N ILE A 162 6.91 -9.01 8.49
CA ILE A 162 6.66 -7.58 8.68
C ILE A 162 7.91 -6.71 8.80
N GLU A 163 8.95 -7.23 9.42
CA GLU A 163 10.15 -6.43 9.68
C GLU A 163 10.69 -5.72 8.43
N PRO A 164 10.76 -6.42 7.28
CA PRO A 164 11.22 -5.81 6.03
C PRO A 164 10.45 -4.55 5.64
N LYS A 165 9.16 -4.51 5.97
CA LYS A 165 8.31 -3.39 5.60
C LYS A 165 8.60 -2.16 6.45
N PHE A 166 8.98 -2.38 7.71
CA PHE A 166 9.40 -1.29 8.58
C PHE A 166 10.67 -0.66 8.05
N GLU A 167 11.65 -1.49 7.68
CA GLU A 167 12.91 -1.00 7.16
C GLU A 167 12.67 -0.10 5.95
N PHE A 168 11.82 -0.56 5.04
CA PHE A 168 11.48 0.22 3.86
C PHE A 168 10.75 1.51 4.22
N ALA A 169 9.77 1.40 5.12
CA ALA A 169 8.91 2.54 5.45
C ALA A 169 9.68 3.68 6.09
N VAL A 170 10.57 3.35 7.02
CA VAL A 170 11.34 4.37 7.72
C VAL A 170 12.14 5.22 6.73
N LYS A 171 12.85 4.57 5.81
CA LYS A 171 13.61 5.30 4.80
C LYS A 171 12.67 6.05 3.86
N PHE A 172 11.55 5.44 3.50
CA PHE A 172 10.60 6.07 2.60
C PHE A 172 10.01 7.33 3.24
N ASN A 173 9.68 7.25 4.52
CA ASN A 173 9.14 8.39 5.26
C ASN A 173 10.10 9.57 5.37
N ALA A 174 11.39 9.28 5.26
CA ALA A 174 12.40 10.31 5.33
C ALA A 174 12.30 11.26 4.14
N LEU A 175 11.65 10.81 3.08
CA LEU A 175 11.45 11.64 1.90
C LEU A 175 10.39 12.72 2.13
N GLU A 176 9.57 12.52 3.15
CA GLU A 176 8.59 13.54 3.57
C GLU A 176 7.55 13.88 2.50
N LEU A 177 7.04 12.88 1.80
CA LEU A 177 5.95 13.10 0.85
C LEU A 177 4.65 13.40 1.60
N ASP A 178 3.78 14.17 0.96
CA ASP A 178 2.43 14.36 1.49
C ASP A 178 1.43 13.60 0.61
N ASP A 179 0.14 13.75 0.89
CA ASP A 179 -0.88 13.01 0.13
C ASP A 179 -0.91 13.37 -1.36
N SER A 180 -0.70 14.64 -1.68
CA SER A 180 -0.68 15.06 -3.09
C SER A 180 0.42 14.34 -3.88
N ASP A 181 1.58 14.16 -3.25
CA ASP A 181 2.69 13.44 -3.87
C ASP A 181 2.38 11.96 -4.01
N LEU A 182 1.87 11.37 -2.93
CA LEU A 182 1.59 9.94 -2.88
C LEU A 182 0.53 9.52 -3.88
N ALA A 183 -0.42 10.42 -4.16
CA ALA A 183 -1.48 10.11 -5.11
C ALA A 183 -0.88 9.78 -6.47
N LEU A 184 0.10 10.56 -6.89
CA LEU A 184 0.76 10.35 -8.17
C LEU A 184 1.66 9.12 -8.12
N PHE A 185 2.36 8.94 -7.01
CA PHE A 185 3.27 7.82 -6.84
C PHE A 185 2.54 6.48 -6.98
N ILE A 186 1.43 6.35 -6.25
CA ILE A 186 0.62 5.14 -6.27
C ILE A 186 0.01 4.90 -7.64
N ALA A 187 -0.43 5.96 -8.29
CA ALA A 187 -0.98 5.85 -9.64
C ALA A 187 0.10 5.31 -10.58
N ALA A 188 1.34 5.78 -10.41
CA ALA A 188 2.44 5.36 -11.25
C ALA A 188 2.78 3.89 -11.04
N ILE A 189 2.67 3.45 -9.79
CA ILE A 189 2.87 2.05 -9.46
C ILE A 189 1.82 1.17 -10.13
N ILE A 190 0.58 1.62 -10.10
CA ILE A 190 -0.54 0.86 -10.66
C ILE A 190 -0.50 0.81 -12.18
N LEU A 191 -0.39 1.98 -12.80
CA LEU A 191 -0.30 2.07 -14.25
C LEU A 191 1.13 1.78 -14.68
N CYS A 192 1.52 0.53 -14.59
CA CYS A 192 2.89 0.11 -14.85
C CYS A 192 2.94 -0.79 -16.09
N GLY A 193 3.69 -0.36 -17.10
CA GLY A 193 3.74 -1.07 -18.36
C GLY A 193 4.65 -2.28 -18.36
N ASP A 194 5.18 -2.64 -17.18
CA ASP A 194 6.09 -3.78 -17.08
C ASP A 194 5.43 -5.07 -16.63
N ARG A 195 4.12 -5.01 -16.30
CA ARG A 195 3.40 -6.18 -15.81
C ARG A 195 3.19 -7.23 -16.91
N PRO A 196 3.27 -8.52 -16.54
CA PRO A 196 3.08 -9.65 -17.44
C PRO A 196 1.64 -9.84 -17.89
N GLY A 197 1.44 -10.19 -19.15
CA GLY A 197 0.11 -10.52 -19.63
C GLY A 197 -0.69 -9.34 -20.14
N LEU A 198 -0.06 -8.17 -20.19
CA LEU A 198 -0.73 -6.98 -20.70
C LEU A 198 -0.97 -7.09 -22.20
N MET A 199 -2.17 -6.72 -22.63
CA MET A 199 -2.54 -6.77 -24.04
CA MET A 199 -2.54 -6.77 -24.04
C MET A 199 -2.05 -5.54 -24.80
N ASN A 200 -2.20 -4.36 -24.19
CA ASN A 200 -1.83 -3.12 -24.84
C ASN A 200 -0.74 -2.38 -24.07
N VAL A 201 0.49 -2.89 -24.16
CA VAL A 201 1.63 -2.30 -23.44
C VAL A 201 1.89 -0.83 -23.75
N PRO A 202 1.91 -0.46 -25.04
CA PRO A 202 2.22 0.95 -25.37
C PRO A 202 1.24 1.92 -24.73
N ARG A 203 -0.03 1.55 -24.64
CA ARG A 203 -1.02 2.41 -24.02
C ARG A 203 -0.72 2.62 -22.54
N VAL A 204 -0.36 1.55 -21.85
CA VAL A 204 -0.04 1.63 -20.43
C VAL A 204 1.26 2.39 -20.21
N GLU A 205 2.25 2.10 -21.05
CA GLU A 205 3.53 2.82 -20.99
C GLU A 205 3.29 4.31 -21.11
N ALA A 206 2.44 4.69 -22.05
CA ALA A 206 2.13 6.09 -22.31
C ALA A 206 1.53 6.75 -21.06
N ILE A 207 0.56 6.07 -20.47
CA ILE A 207 -0.11 6.60 -19.28
C ILE A 207 0.87 6.74 -18.11
N GLN A 208 1.68 5.70 -17.88
CA GLN A 208 2.65 5.75 -16.81
C GLN A 208 3.61 6.92 -16.97
N ASP A 209 4.08 7.13 -18.19
CA ASP A 209 5.03 8.20 -18.45
C ASP A 209 4.40 9.57 -18.19
N THR A 210 3.14 9.70 -18.54
CA THR A 210 2.42 10.95 -18.28
C THR A 210 2.32 11.21 -16.79
N ILE A 211 1.98 10.18 -16.04
CA ILE A 211 1.88 10.28 -14.60
C ILE A 211 3.24 10.69 -14.00
N LEU A 212 4.30 10.05 -14.48
CA LEU A 212 5.65 10.34 -13.97
C LEU A 212 6.10 11.77 -14.28
N ARG A 213 5.76 12.27 -15.47
CA ARG A 213 6.10 13.64 -15.82
C ARG A 213 5.33 14.60 -14.91
N ALA A 214 4.05 14.31 -14.70
CA ALA A 214 3.24 15.11 -13.81
C ALA A 214 3.85 15.14 -12.41
N LEU A 215 4.34 13.99 -11.97
CA LEU A 215 4.95 13.86 -10.65
C LEU A 215 6.20 14.73 -10.52
N GLU A 216 7.06 14.71 -11.53
CA GLU A 216 8.26 15.54 -11.49
C GLU A 216 7.91 17.01 -11.33
N PHE A 217 6.98 17.50 -12.15
CA PHE A 217 6.58 18.90 -12.06
C PHE A 217 5.89 19.21 -10.75
N HIS A 218 5.14 18.24 -10.24
CA HIS A 218 4.46 18.42 -8.97
C HIS A 218 5.47 18.56 -7.82
N LEU A 219 6.45 17.68 -7.78
CA LEU A 219 7.49 17.71 -6.76
C LEU A 219 8.26 19.03 -6.79
N GLN A 220 8.48 19.54 -8.00
CA GLN A 220 9.20 20.81 -8.16
C GLN A 220 8.50 21.95 -7.44
N ALA A 221 7.17 22.02 -7.57
CA ALA A 221 6.40 23.10 -6.96
C ALA A 221 6.16 22.85 -5.48
N ASN A 222 5.92 21.59 -5.12
CA ASN A 222 5.53 21.24 -3.76
C ASN A 222 6.74 21.09 -2.84
N HIS A 223 7.86 20.66 -3.41
CA HIS A 223 9.11 20.53 -2.68
C HIS A 223 10.23 21.27 -3.43
N PRO A 224 10.13 22.60 -3.50
CA PRO A 224 11.05 23.44 -4.29
C PRO A 224 12.52 23.21 -3.92
N ASP A 225 12.79 22.98 -2.64
CA ASP A 225 14.17 22.93 -2.16
C ASP A 225 14.76 21.53 -2.05
N ALA A 226 13.96 20.50 -2.34
CA ALA A 226 14.44 19.13 -2.26
C ALA A 226 15.44 18.85 -3.37
N GLN A 227 16.38 17.94 -3.12
CA GLN A 227 17.39 17.58 -4.11
C GLN A 227 17.26 16.11 -4.54
N TYR A 228 17.12 15.92 -5.85
CA TYR A 228 17.10 14.58 -6.41
C TYR A 228 15.91 13.75 -5.90
N LEU A 229 14.84 14.44 -5.51
CA LEU A 229 13.67 13.74 -4.98
C LEU A 229 13.01 12.85 -6.03
N PHE A 230 12.96 13.33 -7.28
CA PHE A 230 12.32 12.53 -8.33
C PHE A 230 13.09 11.23 -8.62
N PRO A 231 14.41 11.34 -8.86
CA PRO A 231 15.24 10.14 -9.05
C PRO A 231 15.17 9.20 -7.85
N LYS A 232 15.13 9.76 -6.66
CA LYS A 232 15.04 8.97 -5.44
C LYS A 232 13.77 8.14 -5.42
N LEU A 233 12.68 8.73 -5.91
CA LEU A 233 11.40 8.04 -5.94
C LEU A 233 11.36 6.95 -7.01
N LEU A 234 12.03 7.16 -8.14
CA LEU A 234 12.13 6.11 -9.15
C LEU A 234 12.85 4.90 -8.57
N GLN A 235 13.87 5.14 -7.76
CA GLN A 235 14.59 4.06 -7.11
C GLN A 235 13.68 3.34 -6.11
N LYS A 236 12.89 4.12 -5.37
CA LYS A 236 11.94 3.55 -4.42
C LYS A 236 10.99 2.59 -5.14
N MET A 237 10.61 2.93 -6.37
CA MET A 237 9.71 2.08 -7.15
CA MET A 237 9.71 2.08 -7.15
C MET A 237 10.39 0.75 -7.47
N ALA A 238 11.68 0.81 -7.78
CA ALA A 238 12.45 -0.40 -8.05
C ALA A 238 12.60 -1.22 -6.77
N ASP A 239 12.85 -0.54 -5.65
CA ASP A 239 12.97 -1.20 -4.35
C ASP A 239 11.68 -1.94 -3.98
N LEU A 240 10.54 -1.37 -4.34
CA LEU A 240 9.25 -1.97 -4.02
C LEU A 240 9.05 -3.28 -4.77
N ARG A 241 9.54 -3.34 -6.01
CA ARG A 241 9.43 -4.56 -6.80
C ARG A 241 10.16 -5.71 -6.14
N GLN A 242 11.34 -5.43 -5.59
CA GLN A 242 12.12 -6.46 -4.92
C GLN A 242 11.48 -6.83 -3.58
N LEU A 243 10.88 -5.85 -2.92
CA LEU A 243 10.22 -6.09 -1.64
C LEU A 243 9.08 -7.08 -1.83
N VAL A 244 8.32 -6.91 -2.91
CA VAL A 244 7.19 -7.78 -3.22
C VAL A 244 7.63 -9.19 -3.59
N THR A 245 8.64 -9.30 -4.44
CA THR A 245 9.21 -10.61 -4.78
C THR A 245 9.58 -11.38 -3.51
N GLU A 246 10.28 -10.72 -2.61
CA GLU A 246 10.67 -11.32 -1.34
C GLU A 246 9.47 -11.66 -0.46
N HIS A 247 8.47 -10.80 -0.48
CA HIS A 247 7.26 -11.03 0.30
C HIS A 247 6.50 -12.24 -0.23
N ALA A 248 6.37 -12.32 -1.56
CA ALA A 248 5.68 -13.44 -2.21
C ALA A 248 6.38 -14.76 -1.88
N GLN A 249 7.71 -14.73 -1.83
CA GLN A 249 8.49 -15.92 -1.47
CA GLN A 249 8.48 -15.93 -1.47
C GLN A 249 8.12 -16.39 -0.07
N MET A 250 8.08 -15.46 0.88
CA MET A 250 7.74 -15.80 2.27
C MET A 250 6.31 -16.32 2.41
N MET A 251 5.39 -15.76 1.62
CA MET A 251 4.01 -16.22 1.62
C MET A 251 3.91 -17.64 1.08
N GLN A 252 4.68 -17.94 0.03
CA GLN A 252 4.69 -19.29 -0.52
C GLN A 252 5.19 -20.30 0.51
N ARG A 253 6.23 -19.93 1.25
CA ARG A 253 6.75 -20.81 2.29
CA ARG A 253 6.77 -20.78 2.31
C ARG A 253 5.69 -21.14 3.34
N ILE A 254 4.94 -20.12 3.76
CA ILE A 254 3.85 -20.32 4.71
C ILE A 254 2.78 -21.25 4.14
N LYS A 255 2.47 -21.04 2.86
CA LYS A 255 1.49 -21.87 2.17
C LYS A 255 1.87 -23.35 2.19
N LYS A 256 3.15 -23.63 2.04
CA LYS A 256 3.64 -25.01 1.96
C LYS A 256 3.93 -25.63 3.32
N THR A 257 4.28 -24.81 4.31
CA THR A 257 4.73 -25.32 5.61
C THR A 257 3.70 -25.13 6.72
N GLU A 258 2.87 -24.11 6.61
CA GLU A 258 1.83 -23.85 7.60
C GLU A 258 0.49 -24.29 7.05
N THR A 259 0.35 -25.59 6.83
CA THR A 259 -0.83 -26.12 6.14
C THR A 259 -2.12 -25.95 6.92
N GLU A 260 -2.00 -25.55 8.19
CA GLU A 260 -3.17 -25.29 9.01
C GLU A 260 -3.63 -23.84 8.88
N THR A 261 -2.78 -23.01 8.27
CA THR A 261 -3.08 -21.60 8.08
C THR A 261 -3.79 -21.38 6.74
N SER A 262 -4.92 -20.68 6.79
CA SER A 262 -5.69 -20.41 5.58
C SER A 262 -5.32 -19.07 4.95
N LEU A 263 -5.66 -18.90 3.69
CA LEU A 263 -5.41 -17.65 2.97
C LEU A 263 -6.69 -17.17 2.30
N HIS A 264 -7.01 -15.89 2.46
CA HIS A 264 -8.19 -15.32 1.84
C HIS A 264 -8.19 -15.58 0.33
N PRO A 265 -9.33 -16.07 -0.20
CA PRO A 265 -9.48 -16.41 -1.62
C PRO A 265 -9.04 -15.29 -2.54
N LEU A 266 -9.39 -14.05 -2.20
CA LEU A 266 -9.03 -12.89 -3.00
C LEU A 266 -7.51 -12.77 -3.11
N LEU A 267 -6.82 -13.04 -2.01
CA LEU A 267 -5.36 -13.03 -2.00
C LEU A 267 -4.79 -14.26 -2.69
N GLN A 268 -5.53 -15.37 -2.64
CA GLN A 268 -5.10 -16.60 -3.28
CA GLN A 268 -5.12 -16.60 -3.29
C GLN A 268 -4.97 -16.41 -4.80
N GLU A 269 -5.91 -15.70 -5.41
CA GLU A 269 -5.86 -15.45 -6.84
CA GLU A 269 -5.86 -15.45 -6.84
C GLU A 269 -4.72 -14.51 -7.22
N ILE A 270 -4.53 -13.45 -6.44
CA ILE A 270 -3.44 -12.53 -6.69
C ILE A 270 -2.11 -13.27 -6.74
N TYR A 271 -1.92 -14.20 -5.81
CA TYR A 271 -0.70 -14.99 -5.74
C TYR A 271 -0.77 -16.25 -6.60
N LYS A 272 -1.94 -16.50 -7.17
CA LYS A 272 -2.18 -17.75 -7.90
C LYS A 272 -1.07 -18.08 -8.90
N ASP A 273 -0.95 -17.25 -9.93
CA ASP A 273 0.02 -17.50 -10.98
C ASP A 273 1.34 -16.76 -10.76
N MET A 274 2.09 -17.23 -9.77
CA MET A 274 3.42 -16.71 -9.48
C MET A 274 4.27 -17.85 -8.94
N TYR A 275 3.61 -18.98 -8.66
CA TYR A 275 4.29 -20.20 -8.26
C TYR A 275 3.58 -21.43 -8.81
CAA GW0 B . 0.98 -11.29 6.23
CAB GW0 B . -0.89 -4.61 5.83
OAC GW0 B . -1.68 -10.17 0.74
OAD GW0 B . 0.32 -10.61 1.25
FAE GW0 B . -3.90 -5.66 12.58
FAF GW0 B . -3.49 -7.35 14.47
FAG GW0 B . -1.72 -7.24 15.28
FAH GW0 B . -2.78 -5.63 15.09
CAI GW0 B . 1.21 -7.60 4.19
CAJ GW0 B . -0.18 -6.24 11.59
CAK GW0 B . 0.42 -8.61 3.71
CAL GW0 B . -0.59 -6.58 12.85
CAM GW0 B . 1.84 -8.98 5.97
CAN GW0 B . -2.29 -5.50 10.95
CAO GW0 B . -1.30 -10.58 2.96
CAP GW0 B . 1.90 -5.13 6.21
NAQ GW0 B . -1.17 -5.11 8.29
OAR GW0 B . -0.38 -10.80 3.93
SAS GW0 B . 2.98 -6.57 6.01
SAT GW0 B . 1.12 -5.55 8.89
CAU GW0 B . -0.83 -10.46 1.54
CAV GW0 B . 1.04 -9.99 5.50
CAW GW0 B . -0.42 -4.99 7.21
CAX GW0 B . 1.93 -7.77 5.33
CAY GW0 B . -2.69 -5.85 12.21
CAZ GW0 B . -0.99 -5.69 10.63
CBA GW0 B . 0.34 -9.80 4.35
CBB GW0 B . 0.88 -5.22 7.35
CBC GW0 B . -1.89 -6.38 13.15
CBD GW0 B . -0.50 -5.44 9.34
CBE GW0 B . -2.49 -6.68 14.52
C1 GOL C . -2.89 9.49 -21.67
O1 GOL C . -2.06 9.97 -20.64
C2 GOL C . -2.43 10.05 -23.02
O2 GOL C . -3.54 10.45 -23.78
C3 GOL C . -1.48 11.22 -22.81
O3 GOL C . -0.15 10.76 -22.81
#